data_5CIU
#
_entry.id   5CIU
#
_cell.length_a   73.437
_cell.length_b   73.437
_cell.length_c   158.200
_cell.angle_alpha   90.000
_cell.angle_beta   90.000
_cell.angle_gamma   120.000
#
_symmetry.space_group_name_H-M   'P 32 2 1'
#
loop_
_entity.id
_entity.type
_entity.pdbx_description
1 polymer 'DNA (cytosine-5)-methyltransferase 3B'
2 polymer 'Histone H3.2'
3 non-polymer GLYCEROL
4 water water
#
loop_
_entity_poly.entity_id
_entity_poly.type
_entity_poly.pdbx_seq_one_letter_code
_entity_poly.pdbx_strand_id
1 'polypeptide(L)'
;EADSGDGDSSEYQDGKEFGIGDLVWGKIKGFSWWPAMVVSWKATSKRQAMSGMRWVQWFGDGKFSEVSADKLVALGLFSQ
HFNLATFNKLVSYRKAMYHALEKARVRAGKTFPSSPGDSLEDQLKPMLEWAHGGFKPTGIEGLKPNNTQP
;
A,B
2 'polypeptide(L)' SAPATGGV(M3L)KPHRYR C,D
#
# COMPACT_ATOMS: atom_id res chain seq x y z
N GLU A 11 -13.36 2.32 -4.59
CA GLU A 11 -11.97 1.89 -4.36
C GLU A 11 -11.20 2.94 -3.54
N TYR A 12 -10.36 2.51 -2.62
CA TYR A 12 -9.53 3.42 -1.84
C TYR A 12 -10.32 4.28 -0.82
N GLN A 13 -11.55 3.88 -0.51
CA GLN A 13 -12.35 4.62 0.48
C GLN A 13 -11.98 4.19 1.90
N ASP A 14 -10.82 4.64 2.36
CA ASP A 14 -10.30 4.20 3.66
C ASP A 14 -10.02 5.36 4.60
N GLY A 15 -10.39 6.58 4.19
CA GLY A 15 -10.11 7.75 4.99
C GLY A 15 -8.70 8.29 4.80
N LYS A 16 -7.79 7.44 4.29
CA LYS A 16 -6.41 7.87 4.05
C LYS A 16 -6.33 8.76 2.81
N GLU A 17 -5.17 9.38 2.59
CA GLU A 17 -5.00 10.36 1.50
C GLU A 17 -4.85 9.70 0.10
N PHE A 18 -4.99 10.51 -0.96
CA PHE A 18 -4.66 10.16 -2.36
C PHE A 18 -5.72 9.33 -3.08
N GLY A 19 -5.94 9.69 -4.34
CA GLY A 19 -6.90 9.02 -5.20
C GLY A 19 -6.30 8.81 -6.58
N ILE A 20 -7.07 8.11 -7.41
CA ILE A 20 -6.65 7.70 -8.74
C ILE A 20 -6.28 8.87 -9.61
N GLY A 21 -5.11 8.80 -10.26
CA GLY A 21 -4.67 9.91 -11.09
C GLY A 21 -3.72 10.89 -10.38
N ASP A 22 -3.70 10.85 -9.05
CA ASP A 22 -2.78 11.74 -8.32
C ASP A 22 -1.30 11.47 -8.60
N LEU A 23 -0.58 12.54 -8.95
CA LEU A 23 0.87 12.50 -9.05
C LEU A 23 1.48 12.54 -7.66
N VAL A 24 2.39 11.63 -7.39
CA VAL A 24 2.93 11.46 -6.04
C VAL A 24 4.40 11.15 -6.07
N TRP A 25 5.06 11.41 -4.95
CA TRP A 25 6.36 10.81 -4.67
C TRP A 25 6.10 9.54 -3.87
N GLY A 26 6.77 8.45 -4.22
CA GLY A 26 6.61 7.20 -3.49
C GLY A 26 7.95 6.65 -3.02
N LYS A 27 7.93 6.06 -1.83
CA LYS A 27 9.17 5.60 -1.20
C LYS A 27 9.11 4.11 -0.90
N ILE A 28 9.89 3.31 -1.62
CA ILE A 28 10.02 1.89 -1.25
C ILE A 28 11.46 1.57 -0.80
N LYS A 29 11.63 0.47 -0.08
CA LYS A 29 12.95 0.10 0.47
C LYS A 29 14.03 -0.01 -0.61
N GLY A 30 15.13 0.71 -0.42
CA GLY A 30 16.25 0.61 -1.33
C GLY A 30 16.42 1.77 -2.31
N PHE A 31 15.39 2.62 -2.44
CA PHE A 31 15.40 3.66 -3.46
C PHE A 31 15.14 5.05 -2.90
N SER A 32 15.53 6.08 -3.65
CA SER A 32 15.14 7.44 -3.30
C SER A 32 13.62 7.57 -3.45
N TRP A 33 13.06 8.65 -2.94
CA TRP A 33 11.71 9.04 -3.33
C TRP A 33 11.62 9.11 -4.87
N TRP A 34 10.58 8.50 -5.44
CA TRP A 34 10.48 8.34 -6.89
C TRP A 34 9.08 8.78 -7.34
N PRO A 35 8.98 9.49 -8.49
CA PRO A 35 7.67 10.03 -8.90
C PRO A 35 6.80 8.92 -9.47
N ALA A 36 5.50 8.98 -9.18
CA ALA A 36 4.58 7.93 -9.57
C ALA A 36 3.18 8.48 -9.73
N MET A 37 2.30 7.67 -10.29
CA MET A 37 0.89 8.06 -10.37
C MET A 37 0.04 7.01 -9.67
N VAL A 38 -0.94 7.45 -8.88
CA VAL A 38 -1.85 6.51 -8.23
C VAL A 38 -2.78 5.90 -9.29
N VAL A 39 -2.88 4.57 -9.31
CA VAL A 39 -3.74 3.91 -10.30
C VAL A 39 -4.72 2.96 -9.62
N SER A 40 -5.74 2.52 -10.35
CA SER A 40 -6.66 1.52 -9.82
C SER A 40 -5.98 0.17 -9.85
N TRP A 41 -6.36 -0.72 -8.94
CA TRP A 41 -5.79 -2.07 -8.93
C TRP A 41 -6.01 -2.79 -10.27
N LYS A 42 -7.08 -2.44 -10.99
CA LYS A 42 -7.40 -3.07 -12.27
C LYS A 42 -6.38 -2.74 -13.37
N ALA A 43 -5.69 -1.61 -13.22
CA ALA A 43 -4.62 -1.26 -14.16
C ALA A 43 -3.44 -2.22 -14.02
N THR A 44 -3.37 -2.91 -12.88
CA THR A 44 -2.16 -3.65 -12.50
C THR A 44 -2.20 -5.11 -12.88
N SER A 45 -3.40 -5.62 -13.18
CA SER A 45 -3.63 -7.05 -13.33
C SER A 45 -2.98 -7.86 -12.18
N LYS A 46 -3.09 -7.33 -10.97
CA LYS A 46 -2.60 -8.01 -9.77
C LYS A 46 -3.76 -8.33 -8.84
N ARG A 47 -3.98 -7.49 -7.82
CA ARG A 47 -5.01 -7.73 -6.81
C ARG A 47 -5.40 -6.38 -6.21
N GLN A 48 -6.53 -6.32 -5.51
CA GLN A 48 -6.90 -5.12 -4.74
C GLN A 48 -5.84 -4.76 -3.70
N ALA A 49 -5.53 -3.46 -3.56
CA ALA A 49 -4.57 -3.00 -2.54
C ALA A 49 -5.14 -3.23 -1.14
N MET A 50 -4.29 -3.57 -0.18
CA MET A 50 -4.73 -3.59 1.22
C MET A 50 -5.22 -2.22 1.63
N SER A 51 -6.28 -2.18 2.45
CA SER A 51 -6.79 -0.92 2.99
C SER A 51 -5.62 -0.14 3.58
N GLY A 52 -5.58 1.17 3.31
CA GLY A 52 -4.51 2.01 3.82
C GLY A 52 -3.41 2.16 2.80
N MET A 53 -3.52 1.38 1.73
CA MET A 53 -2.48 1.38 0.70
C MET A 53 -3.03 1.76 -0.69
N ARG A 54 -2.13 2.08 -1.61
CA ARG A 54 -2.51 2.49 -2.95
C ARG A 54 -1.64 1.74 -3.90
N TRP A 55 -2.18 1.38 -5.06
CA TRP A 55 -1.32 0.96 -6.14
C TRP A 55 -0.77 2.22 -6.82
N VAL A 56 0.53 2.26 -7.08
CA VAL A 56 1.09 3.33 -7.86
C VAL A 56 1.81 2.74 -9.05
N GLN A 57 1.84 3.49 -10.17
CA GLN A 57 2.70 3.15 -11.31
C GLN A 57 3.84 4.18 -11.40
N TRP A 58 5.09 3.71 -11.46
CA TRP A 58 6.26 4.59 -11.40
C TRP A 58 6.57 5.23 -12.76
N PHE A 59 6.82 6.54 -12.79
CA PHE A 59 7.31 7.16 -14.04
C PHE A 59 8.68 6.58 -14.36
N GLY A 60 9.07 6.58 -15.63
CA GLY A 60 10.38 6.05 -15.98
C GLY A 60 10.39 4.57 -16.37
N ASP A 61 10.00 3.68 -15.46
CA ASP A 61 9.97 2.25 -15.79
C ASP A 61 8.58 1.64 -15.96
N GLY A 62 7.54 2.38 -15.59
CA GLY A 62 6.17 1.92 -15.80
C GLY A 62 5.72 0.76 -14.94
N LYS A 63 6.51 0.39 -13.94
CA LYS A 63 6.12 -0.73 -13.10
C LYS A 63 5.16 -0.35 -11.97
N PHE A 64 4.58 -1.35 -11.31
CA PHE A 64 3.61 -1.10 -10.24
C PHE A 64 4.14 -1.54 -8.86
N SER A 65 3.79 -0.77 -7.83
CA SER A 65 4.04 -1.16 -6.44
C SER A 65 2.79 -0.84 -5.63
N GLU A 66 2.52 -1.65 -4.62
CA GLU A 66 1.51 -1.34 -3.62
C GLU A 66 2.23 -0.60 -2.50
N VAL A 67 1.79 0.62 -2.21
CA VAL A 67 2.54 1.48 -1.32
C VAL A 67 1.62 2.09 -0.26
N SER A 68 2.09 2.17 0.98
CA SER A 68 1.29 2.76 2.04
C SER A 68 1.04 4.26 1.80
N ALA A 69 -0.17 4.71 2.09
CA ALA A 69 -0.52 6.11 1.89
C ALA A 69 0.32 7.04 2.75
N ASP A 70 0.98 6.48 3.75
CA ASP A 70 1.91 7.20 4.59
C ASP A 70 3.32 7.19 4.00
N LYS A 71 3.54 6.38 2.96
CA LYS A 71 4.80 6.44 2.22
C LYS A 71 4.61 7.16 0.89
N LEU A 72 3.56 7.98 0.80
CA LEU A 72 3.28 8.80 -0.39
C LEU A 72 3.10 10.27 0.02
N VAL A 73 3.61 11.16 -0.83
CA VAL A 73 3.36 12.58 -0.69
C VAL A 73 3.02 13.14 -2.09
N ALA A 74 2.22 14.19 -2.12
CA ALA A 74 1.88 14.86 -3.36
C ALA A 74 3.16 15.24 -4.10
N LEU A 75 3.22 14.99 -5.39
CA LEU A 75 4.36 15.39 -6.21
C LEU A 75 4.56 16.92 -6.13
N GLY A 76 3.46 17.63 -5.88
CA GLY A 76 3.46 19.06 -5.72
C GLY A 76 4.45 19.58 -4.71
N LEU A 77 4.68 18.83 -3.63
CA LEU A 77 5.73 19.16 -2.67
C LEU A 77 7.08 18.75 -3.27
N PHE A 78 7.52 19.45 -4.32
CA PHE A 78 8.60 18.92 -5.15
C PHE A 78 9.99 19.10 -4.53
N SER A 79 10.34 20.31 -4.14
CA SER A 79 11.68 20.60 -3.63
C SER A 79 11.97 19.79 -2.36
N GLN A 80 10.90 19.44 -1.64
CA GLN A 80 11.02 18.68 -0.39
C GLN A 80 11.41 17.22 -0.58
N HIS A 81 11.25 16.69 -1.80
CA HIS A 81 11.57 15.26 -2.03
C HIS A 81 12.42 15.00 -3.23
N PHE A 82 12.64 16.02 -4.05
CA PHE A 82 13.56 15.89 -5.16
C PHE A 82 14.93 15.53 -4.58
N ASN A 83 15.58 14.51 -5.16
CA ASN A 83 16.88 14.06 -4.66
C ASN A 83 17.99 14.39 -5.63
N LEU A 84 18.74 15.44 -5.34
CA LEU A 84 19.67 15.98 -6.31
C LEU A 84 20.81 15.02 -6.59
N ALA A 85 21.26 14.33 -5.55
CA ALA A 85 22.33 13.34 -5.71
C ALA A 85 21.88 12.21 -6.62
N THR A 86 20.65 11.72 -6.42
CA THR A 86 20.14 10.65 -7.26
C THR A 86 20.00 11.16 -8.68
N PHE A 87 19.53 12.40 -8.83
CA PHE A 87 19.37 12.98 -10.14
C PHE A 87 20.70 13.05 -10.89
N ASN A 88 21.78 13.36 -10.16
CA ASN A 88 23.10 13.49 -10.80
C ASN A 88 23.67 12.13 -11.09
N LYS A 89 23.41 11.19 -10.18
CA LYS A 89 23.94 9.83 -10.26
C LYS A 89 23.21 8.95 -11.29
N LEU A 90 21.91 9.17 -11.51
CA LEU A 90 21.15 8.20 -12.31
C LEU A 90 20.36 8.76 -13.48
N VAL A 91 20.66 8.26 -14.67
CA VAL A 91 19.91 8.61 -15.87
C VAL A 91 18.46 8.09 -15.78
N SER A 92 18.25 6.98 -15.07
CA SER A 92 16.89 6.45 -14.90
C SER A 92 16.02 7.43 -14.10
N TYR A 93 16.62 8.08 -13.11
CA TYR A 93 15.93 9.09 -12.32
C TYR A 93 15.64 10.32 -13.18
N ARG A 94 16.58 10.71 -14.03
CA ARG A 94 16.36 11.87 -14.89
C ARG A 94 15.25 11.61 -15.89
N LYS A 95 15.23 10.41 -16.46
CA LYS A 95 14.14 9.99 -17.35
C LYS A 95 12.80 9.98 -16.61
N ALA A 96 12.79 9.34 -15.45
CA ALA A 96 11.63 9.38 -14.56
C ALA A 96 11.12 10.80 -14.32
N MET A 97 12.04 11.74 -14.03
CA MET A 97 11.67 13.15 -13.81
C MET A 97 11.01 13.78 -15.04
N TYR A 98 11.57 13.51 -16.22
CA TYR A 98 11.01 14.05 -17.45
C TYR A 98 9.54 13.63 -17.65
N HIS A 99 9.31 12.31 -17.70
CA HIS A 99 7.95 11.78 -17.92
C HIS A 99 6.99 12.28 -16.87
N ALA A 100 7.45 12.34 -15.62
CA ALA A 100 6.54 12.82 -14.57
C ALA A 100 6.25 14.32 -14.69
N LEU A 101 7.24 15.09 -15.13
CA LEU A 101 7.05 16.54 -15.24
C LEU A 101 6.30 16.93 -16.52
N GLU A 102 6.61 16.23 -17.62
CA GLU A 102 5.79 16.27 -18.83
C GLU A 102 4.31 16.15 -18.48
N LYS A 103 3.96 15.06 -17.81
CA LYS A 103 2.60 14.84 -17.35
C LYS A 103 2.11 15.99 -16.47
N ALA A 104 2.97 16.50 -15.60
CA ALA A 104 2.60 17.61 -14.73
C ALA A 104 2.28 18.87 -15.55
N ARG A 105 3.07 19.06 -16.60
CA ARG A 105 2.97 20.24 -17.45
C ARG A 105 1.60 20.28 -18.12
N VAL A 106 1.40 19.34 -19.04
CA VAL A 106 0.13 19.12 -19.74
C VAL A 106 -1.09 19.38 -18.87
N ARG A 107 -1.11 18.81 -17.67
CA ARG A 107 -2.28 18.92 -16.81
C ARG A 107 -2.60 20.32 -16.32
N ALA A 108 -1.56 21.09 -16.03
CA ALA A 108 -1.73 22.34 -15.30
C ALA A 108 -1.99 23.55 -16.18
N GLY A 109 -1.37 23.56 -17.36
CA GLY A 109 -1.27 24.77 -18.13
C GLY A 109 0.16 25.23 -17.93
N LYS A 110 1.04 24.78 -18.82
CA LYS A 110 2.41 25.24 -18.80
C LYS A 110 3.06 24.96 -20.13
N THR A 111 3.79 25.96 -20.61
CA THR A 111 4.17 26.05 -22.02
C THR A 111 5.65 25.78 -22.26
N PHE A 112 6.49 26.66 -21.71
CA PHE A 112 7.94 26.65 -21.94
C PHE A 112 8.27 26.95 -23.40
N ASP A 122 17.65 17.64 -21.16
CA ASP A 122 18.08 18.94 -21.69
C ASP A 122 16.88 19.84 -21.96
N GLN A 123 15.71 19.24 -22.16
CA GLN A 123 14.46 20.01 -22.15
C GLN A 123 13.89 19.93 -20.75
N LEU A 124 14.57 19.16 -19.90
CA LEU A 124 14.23 19.05 -18.48
C LEU A 124 14.32 20.39 -17.78
N LYS A 125 15.43 21.10 -18.02
CA LYS A 125 15.78 22.34 -17.33
C LYS A 125 14.61 23.22 -16.87
N PRO A 126 13.81 23.77 -17.82
CA PRO A 126 12.75 24.65 -17.34
C PRO A 126 11.60 23.89 -16.68
N MET A 127 11.49 22.59 -16.97
CA MET A 127 10.49 21.78 -16.30
C MET A 127 10.91 21.63 -14.84
N LEU A 128 12.16 21.23 -14.63
CA LEU A 128 12.72 21.14 -13.29
C LEU A 128 12.60 22.48 -12.52
N GLU A 129 13.11 23.57 -13.11
CA GLU A 129 12.97 24.91 -12.52
C GLU A 129 11.53 25.24 -12.16
N TRP A 130 10.61 24.95 -13.07
CA TRP A 130 9.20 25.23 -12.83
C TRP A 130 8.71 24.42 -11.63
N ALA A 131 9.06 23.13 -11.65
CA ALA A 131 8.76 22.21 -10.54
C ALA A 131 9.42 22.68 -9.23
N HIS A 132 10.74 22.88 -9.25
CA HIS A 132 11.44 23.26 -8.01
C HIS A 132 10.89 24.59 -7.50
N GLY A 133 10.52 25.48 -8.43
CA GLY A 133 9.98 26.79 -8.08
C GLY A 133 8.57 26.82 -7.51
N GLY A 134 7.91 25.65 -7.47
CA GLY A 134 6.56 25.58 -6.92
C GLY A 134 5.43 25.57 -7.94
N PHE A 135 5.75 25.20 -9.19
CA PHE A 135 4.73 25.02 -10.23
C PHE A 135 3.91 26.29 -10.52
N LYS A 136 4.62 27.38 -10.75
CA LYS A 136 3.99 28.67 -11.03
C LYS A 136 3.76 28.84 -12.54
N PRO A 137 2.67 29.54 -12.93
CA PRO A 137 1.75 30.33 -12.10
C PRO A 137 0.76 29.48 -11.32
N THR A 138 0.44 28.33 -11.90
CA THR A 138 -0.67 27.52 -11.44
C THR A 138 -0.64 27.08 -9.98
N GLY A 139 0.56 26.85 -9.43
CA GLY A 139 0.68 26.30 -8.09
C GLY A 139 0.44 24.79 -8.11
N ILE A 140 0.39 24.17 -6.93
CA ILE A 140 0.19 22.72 -6.88
C ILE A 140 -1.18 22.30 -7.40
N GLU A 141 -2.17 23.17 -7.17
CA GLU A 141 -3.57 22.94 -7.59
C GLU A 141 -3.72 22.44 -9.02
N GLY A 142 -2.87 22.92 -9.92
CA GLY A 142 -2.95 22.51 -11.31
C GLY A 142 -2.39 21.14 -11.61
N LEU A 143 -1.95 20.42 -10.57
CA LEU A 143 -1.45 19.07 -10.79
C LEU A 143 -2.59 18.04 -10.75
N LYS A 144 -3.73 18.44 -10.19
CA LYS A 144 -4.90 17.56 -10.11
C LYS A 144 -5.26 16.85 -11.42
N PRO A 145 -5.72 15.59 -11.32
CA PRO A 145 -5.98 14.64 -12.42
C PRO A 145 -6.85 15.13 -13.61
N ASN A 146 -8.05 15.67 -13.34
CA ASN A 146 -9.04 15.86 -14.42
C ASN A 146 -8.86 17.15 -15.25
N GLU B 11 -19.41 1.55 13.60
CA GLU B 11 -18.98 0.28 13.00
C GLU B 11 -18.13 -0.51 13.99
N TYR B 12 -18.62 -1.71 14.31
CA TYR B 12 -17.88 -2.72 15.09
C TYR B 12 -17.93 -2.56 16.61
N GLN B 13 -18.90 -1.80 17.10
CA GLN B 13 -19.14 -1.74 18.54
C GLN B 13 -20.39 -2.54 18.86
N ASP B 14 -20.20 -3.83 19.08
CA ASP B 14 -21.31 -4.80 19.09
C ASP B 14 -21.53 -5.82 20.24
N GLY B 15 -20.67 -5.91 21.27
CA GLY B 15 -19.43 -5.19 21.46
C GLY B 15 -18.35 -6.25 21.60
N LYS B 16 -18.02 -6.87 20.49
CA LYS B 16 -17.07 -7.98 20.48
C LYS B 16 -15.63 -7.52 20.22
N GLU B 17 -14.77 -8.44 19.82
CA GLU B 17 -13.34 -8.21 20.06
C GLU B 17 -12.56 -7.28 19.11
N PHE B 18 -12.74 -7.40 17.81
CA PHE B 18 -11.70 -6.82 16.93
C PHE B 18 -12.04 -5.51 16.26
N GLY B 19 -11.01 -4.67 16.09
CA GLY B 19 -11.19 -3.36 15.48
C GLY B 19 -10.46 -3.11 14.16
N ILE B 20 -10.85 -2.03 13.50
CA ILE B 20 -10.30 -1.61 12.22
C ILE B 20 -8.77 -1.50 12.28
N GLY B 21 -8.09 -2.18 11.36
CA GLY B 21 -6.63 -2.22 11.35
C GLY B 21 -5.97 -3.41 12.05
N ASP B 22 -6.71 -4.14 12.89
CA ASP B 22 -6.12 -5.29 13.60
C ASP B 22 -5.61 -6.38 12.66
N LEU B 23 -4.41 -6.89 12.92
CA LEU B 23 -3.90 -8.05 12.19
C LEU B 23 -4.45 -9.32 12.84
N VAL B 24 -5.01 -10.23 12.05
CA VAL B 24 -5.64 -11.42 12.62
C VAL B 24 -5.39 -12.65 11.78
N TRP B 25 -5.63 -13.82 12.37
CA TRP B 25 -5.84 -15.04 11.60
C TRP B 25 -7.34 -15.25 11.35
N GLY B 26 -7.68 -15.72 10.15
CA GLY B 26 -9.08 -15.89 9.82
C GLY B 26 -9.34 -17.22 9.15
N LYS B 27 -10.52 -17.77 9.43
CA LYS B 27 -10.86 -19.10 8.96
C LYS B 27 -12.21 -19.08 8.26
N ILE B 28 -12.22 -19.37 6.96
CA ILE B 28 -13.47 -19.56 6.23
C ILE B 28 -13.52 -21.00 5.69
N LYS B 29 -14.71 -21.45 5.27
CA LYS B 29 -14.92 -22.84 4.86
C LYS B 29 -13.94 -23.25 3.77
N GLY B 30 -13.40 -24.46 3.90
CA GLY B 30 -12.52 -25.01 2.88
C GLY B 30 -11.09 -24.57 3.03
N PHE B 31 -10.81 -23.71 4.00
CA PHE B 31 -9.45 -23.20 4.17
C PHE B 31 -8.96 -23.25 5.61
N SER B 32 -7.65 -23.35 5.75
CA SER B 32 -6.97 -23.19 7.03
C SER B 32 -6.94 -21.73 7.49
N TRP B 33 -6.26 -21.46 8.60
CA TRP B 33 -6.02 -20.08 9.02
C TRP B 33 -5.12 -19.31 8.05
N TRP B 34 -5.63 -18.21 7.51
CA TRP B 34 -4.84 -17.28 6.68
C TRP B 34 -4.80 -15.91 7.33
N PRO B 35 -3.67 -15.20 7.20
CA PRO B 35 -3.57 -13.88 7.86
C PRO B 35 -4.44 -12.86 7.13
N ALA B 36 -4.84 -11.80 7.84
CA ALA B 36 -5.75 -10.82 7.25
C ALA B 36 -5.79 -9.55 8.09
N MET B 37 -6.46 -8.52 7.58
CA MET B 37 -6.65 -7.30 8.34
C MET B 37 -8.13 -6.91 8.41
N VAL B 38 -8.58 -6.55 9.62
CA VAL B 38 -9.94 -6.05 9.79
C VAL B 38 -10.03 -4.70 9.11
N VAL B 39 -11.02 -4.52 8.25
CA VAL B 39 -11.18 -3.27 7.53
C VAL B 39 -12.58 -2.72 7.73
N SER B 40 -12.79 -1.47 7.35
CA SER B 40 -14.13 -0.88 7.41
C SER B 40 -14.95 -1.38 6.22
N TRP B 41 -16.26 -1.49 6.37
CA TRP B 41 -17.07 -1.93 5.24
C TRP B 41 -16.94 -0.98 4.06
N LYS B 42 -16.68 0.29 4.33
CA LYS B 42 -16.55 1.32 3.29
C LYS B 42 -15.45 1.02 2.28
N ALA B 43 -14.44 0.28 2.72
CA ALA B 43 -13.29 0.00 1.87
C ALA B 43 -13.52 -1.21 0.97
N THR B 44 -14.59 -1.95 1.24
CA THR B 44 -14.84 -3.21 0.53
C THR B 44 -15.66 -3.03 -0.72
N SER B 45 -16.37 -1.90 -0.80
CA SER B 45 -17.32 -1.63 -1.90
C SER B 45 -18.49 -2.62 -1.90
N LYS B 46 -18.76 -3.25 -0.75
CA LYS B 46 -19.89 -4.18 -0.66
C LYS B 46 -21.03 -3.63 0.18
N ARG B 47 -21.07 -4.00 1.45
CA ARG B 47 -22.19 -3.67 2.33
C ARG B 47 -21.71 -3.63 3.77
N GLN B 48 -22.47 -3.00 4.66
CA GLN B 48 -22.16 -3.07 6.09
C GLN B 48 -22.18 -4.53 6.52
N ALA B 49 -21.31 -4.88 7.48
CA ALA B 49 -21.32 -6.23 8.04
C ALA B 49 -22.50 -6.44 9.00
N MET B 50 -23.06 -7.65 9.00
CA MET B 50 -24.07 -8.05 9.99
C MET B 50 -23.51 -7.89 11.38
N SER B 51 -24.35 -7.52 12.34
CA SER B 51 -23.90 -7.31 13.71
C SER B 51 -23.23 -8.58 14.20
N GLY B 52 -22.10 -8.40 14.88
CA GLY B 52 -21.30 -9.52 15.34
C GLY B 52 -20.20 -9.91 14.36
N MET B 53 -20.32 -9.48 13.10
CA MET B 53 -19.33 -9.83 12.07
C MET B 53 -18.21 -8.77 11.88
N ARG B 54 -17.15 -9.15 11.17
CA ARG B 54 -16.12 -8.19 10.75
C ARG B 54 -15.84 -8.40 9.27
N TRP B 55 -15.63 -7.31 8.53
CA TRP B 55 -15.00 -7.43 7.22
C TRP B 55 -13.49 -7.58 7.45
N VAL B 56 -12.87 -8.55 6.77
CA VAL B 56 -11.43 -8.70 6.80
C VAL B 56 -10.92 -8.66 5.37
N GLN B 57 -9.66 -8.26 5.20
CA GLN B 57 -9.05 -8.29 3.88
C GLN B 57 -7.87 -9.24 3.97
N TRP B 58 -7.84 -10.23 3.08
CA TRP B 58 -6.84 -11.30 3.17
C TRP B 58 -5.49 -10.83 2.61
N PHE B 59 -4.43 -10.94 3.38
CA PHE B 59 -3.13 -10.70 2.79
C PHE B 59 -2.88 -11.66 1.62
N GLY B 60 -2.02 -11.26 0.68
CA GLY B 60 -1.71 -12.11 -0.45
C GLY B 60 -2.61 -11.98 -1.66
N ASP B 61 -3.92 -12.12 -1.48
CA ASP B 61 -4.83 -11.94 -2.62
C ASP B 61 -5.70 -10.66 -2.52
N GLY B 62 -5.61 -9.94 -1.41
CA GLY B 62 -6.31 -8.67 -1.23
C GLY B 62 -7.84 -8.72 -1.27
N LYS B 63 -8.41 -9.93 -1.15
CA LYS B 63 -9.85 -10.10 -1.20
C LYS B 63 -10.55 -9.91 0.16
N PHE B 64 -11.86 -9.69 0.10
CA PHE B 64 -12.67 -9.45 1.29
C PHE B 64 -13.53 -10.65 1.72
N SER B 65 -13.68 -10.84 3.03
CA SER B 65 -14.69 -11.77 3.55
C SER B 65 -15.33 -11.19 4.79
N GLU B 66 -16.62 -11.48 4.96
CA GLU B 66 -17.32 -11.15 6.19
C GLU B 66 -17.21 -12.39 7.10
N VAL B 67 -16.56 -12.22 8.24
CA VAL B 67 -16.23 -13.30 9.14
C VAL B 67 -16.69 -12.90 10.54
N SER B 68 -17.12 -13.89 11.32
CA SER B 68 -17.57 -13.63 12.69
C SER B 68 -16.44 -13.22 13.62
N ALA B 69 -16.69 -12.16 14.39
CA ALA B 69 -15.69 -11.62 15.29
C ALA B 69 -15.22 -12.65 16.29
N ASP B 70 -16.10 -13.58 16.63
CA ASP B 70 -15.78 -14.54 17.69
C ASP B 70 -14.97 -15.70 17.13
N LYS B 71 -14.83 -15.74 15.81
CA LYS B 71 -14.01 -16.77 15.16
C LYS B 71 -12.60 -16.26 14.77
N LEU B 72 -12.30 -14.99 15.02
CA LEU B 72 -11.00 -14.45 14.66
C LEU B 72 -10.01 -14.55 15.82
N VAL B 73 -8.74 -14.75 15.53
CA VAL B 73 -7.70 -14.69 16.56
C VAL B 73 -6.60 -13.70 16.17
N ALA B 74 -6.01 -13.01 17.16
CA ALA B 74 -4.92 -12.08 16.89
C ALA B 74 -3.75 -12.77 16.17
N LEU B 75 -3.17 -12.08 15.19
CA LEU B 75 -2.00 -12.60 14.47
C LEU B 75 -0.90 -12.92 15.46
N GLY B 76 -0.86 -12.15 16.55
CA GLY B 76 0.09 -12.35 17.64
C GLY B 76 0.16 -13.76 18.20
N LEU B 77 -0.94 -14.49 18.13
CA LEU B 77 -0.89 -15.93 18.42
C LEU B 77 -0.27 -16.58 17.20
N PHE B 78 1.02 -16.34 17.00
CA PHE B 78 1.61 -16.72 15.72
C PHE B 78 1.84 -18.23 15.50
N SER B 79 2.69 -18.84 16.33
CA SER B 79 3.10 -20.23 16.08
C SER B 79 1.93 -21.21 16.13
N GLN B 80 0.95 -20.92 16.99
CA GLN B 80 -0.24 -21.77 17.10
C GLN B 80 -1.09 -21.89 15.84
N HIS B 81 -1.10 -20.85 14.98
CA HIS B 81 -2.03 -20.86 13.84
C HIS B 81 -1.43 -21.02 12.44
N PHE B 82 -0.12 -20.85 12.31
CA PHE B 82 0.56 -21.19 11.06
C PHE B 82 0.34 -22.66 10.63
N ASN B 83 0.19 -22.93 9.33
CA ASN B 83 -0.07 -24.27 8.80
C ASN B 83 0.91 -24.67 7.68
N LEU B 84 1.86 -25.54 8.01
CA LEU B 84 3.01 -25.75 7.14
C LEU B 84 2.76 -26.62 5.91
N PHE B 87 1.33 -24.49 3.37
CA PHE B 87 2.42 -23.57 3.09
C PHE B 87 3.32 -24.12 1.99
N ASN B 88 3.95 -25.27 2.23
CA ASN B 88 4.82 -25.84 1.21
C ASN B 88 3.99 -26.30 0.03
N LYS B 89 2.70 -26.51 0.26
CA LYS B 89 1.78 -26.92 -0.81
C LYS B 89 1.27 -25.74 -1.68
N LEU B 90 1.24 -24.53 -1.12
CA LEU B 90 0.71 -23.36 -1.82
C LEU B 90 1.61 -22.12 -1.73
N VAL B 91 1.93 -21.50 -2.87
CA VAL B 91 2.82 -20.32 -2.87
C VAL B 91 2.07 -19.06 -2.41
N SER B 92 0.77 -19.05 -2.70
CA SER B 92 -0.13 -18.02 -2.24
C SER B 92 -0.01 -17.78 -0.72
N TYR B 93 0.10 -18.88 0.03
CA TYR B 93 0.19 -18.79 1.48
C TYR B 93 1.49 -18.15 1.90
N ARG B 94 2.53 -18.36 1.10
CA ARG B 94 3.84 -17.82 1.42
C ARG B 94 3.86 -16.31 1.13
N LYS B 95 3.34 -15.93 -0.02
CA LYS B 95 3.14 -14.49 -0.31
C LYS B 95 2.28 -13.81 0.77
N ALA B 96 1.17 -14.46 1.14
CA ALA B 96 0.32 -13.96 2.22
C ALA B 96 1.13 -13.63 3.48
N MET B 97 2.00 -14.54 3.88
CA MET B 97 2.76 -14.33 5.10
C MET B 97 3.71 -13.16 4.98
N TYR B 98 4.36 -13.05 3.84
CA TYR B 98 5.28 -11.94 3.62
C TYR B 98 4.55 -10.60 3.80
N HIS B 99 3.48 -10.42 3.03
CA HIS B 99 2.72 -9.17 3.13
C HIS B 99 2.21 -8.92 4.57
N ALA B 100 1.72 -9.96 5.24
CA ALA B 100 1.28 -9.81 6.64
C ALA B 100 2.42 -9.37 7.57
N LEU B 101 3.54 -10.08 7.49
CA LEU B 101 4.68 -9.75 8.35
C LEU B 101 5.34 -8.42 7.98
N GLU B 102 5.31 -8.10 6.68
CA GLU B 102 5.68 -6.77 6.21
C GLU B 102 4.94 -5.70 6.98
N LYS B 103 3.61 -5.78 6.97
CA LYS B 103 2.80 -4.81 7.69
C LYS B 103 3.14 -4.83 9.19
N ALA B 104 3.36 -6.04 9.73
CA ALA B 104 3.70 -6.16 11.15
C ALA B 104 5.03 -5.45 11.47
N ARG B 105 6.05 -5.77 10.68
CA ARG B 105 7.38 -5.16 10.81
C ARG B 105 7.33 -3.65 10.81
N VAL B 106 6.68 -3.09 9.78
CA VAL B 106 6.59 -1.65 9.62
C VAL B 106 5.93 -0.98 10.84
N ARG B 107 4.88 -1.61 11.37
CA ARG B 107 4.22 -1.08 12.56
C ARG B 107 5.13 -1.13 13.78
N ALA B 108 5.77 -2.28 13.97
CA ALA B 108 6.67 -2.49 15.10
C ALA B 108 7.88 -1.54 15.06
N GLY B 109 8.12 -0.95 13.88
CA GLY B 109 9.30 -0.13 13.69
C GLY B 109 10.54 -1.00 13.71
N LYS B 110 10.37 -2.24 13.26
CA LYS B 110 11.43 -3.23 13.29
C LYS B 110 12.28 -3.12 12.02
N LEU B 124 11.83 -13.30 4.26
CA LEU B 124 10.90 -14.04 5.12
C LEU B 124 11.56 -14.70 6.34
N LYS B 125 12.46 -15.64 6.07
CA LYS B 125 13.22 -16.35 7.12
C LYS B 125 13.54 -15.48 8.35
N PRO B 126 14.08 -14.26 8.16
CA PRO B 126 14.29 -13.43 9.36
C PRO B 126 13.01 -12.78 9.93
N MET B 127 11.89 -12.86 9.21
CA MET B 127 10.63 -12.27 9.67
C MET B 127 9.83 -13.31 10.47
N LEU B 128 9.60 -14.46 9.85
CA LEU B 128 9.12 -15.67 10.50
C LEU B 128 9.74 -15.91 11.86
N GLU B 129 11.07 -16.01 11.86
CA GLU B 129 11.78 -16.23 13.10
C GLU B 129 11.60 -15.07 14.09
N TRP B 130 11.28 -13.89 13.58
CA TRP B 130 10.92 -12.78 14.46
C TRP B 130 9.52 -12.96 15.06
N ALA B 131 8.66 -13.65 14.31
CA ALA B 131 7.29 -13.89 14.76
C ALA B 131 7.32 -14.84 15.98
N HIS B 132 7.89 -16.02 15.78
CA HIS B 132 8.06 -17.00 16.85
C HIS B 132 8.68 -16.44 18.14
N GLY B 133 9.53 -15.43 18.01
CA GLY B 133 10.24 -14.90 19.17
C GLY B 133 9.40 -14.03 20.08
N GLY B 134 8.22 -13.65 19.62
CA GLY B 134 7.35 -12.79 20.40
C GLY B 134 7.39 -11.36 19.89
N PHE B 135 7.84 -11.21 18.65
CA PHE B 135 7.88 -9.90 17.99
C PHE B 135 8.63 -8.91 18.87
N LYS B 136 9.81 -9.32 19.32
CA LYS B 136 10.59 -8.53 20.27
C LYS B 136 11.55 -7.59 19.56
N PRO B 137 11.94 -6.48 20.23
CA PRO B 137 11.65 -6.09 21.62
C PRO B 137 10.28 -5.47 21.73
N THR B 138 9.63 -5.33 20.59
CA THR B 138 8.34 -4.66 20.52
C THR B 138 7.30 -5.37 21.40
N GLY B 139 7.18 -6.68 21.22
CA GLY B 139 6.05 -7.43 21.76
C GLY B 139 4.92 -7.35 20.74
N ILE B 140 3.85 -8.12 20.96
CA ILE B 140 2.71 -8.06 20.06
C ILE B 140 2.01 -6.70 20.14
N GLU B 141 2.31 -5.95 21.20
CA GLU B 141 1.77 -4.60 21.36
C GLU B 141 2.32 -3.63 20.29
N GLY B 142 3.28 -4.11 19.50
CA GLY B 142 3.85 -3.33 18.42
C GLY B 142 3.13 -3.60 17.11
N LEU B 143 2.21 -4.55 17.13
CA LEU B 143 1.43 -4.89 15.93
C LEU B 143 0.14 -4.08 15.84
N LYS B 144 -0.23 -3.45 16.96
CA LYS B 144 -1.45 -2.62 17.03
C LYS B 144 -1.39 -1.51 15.98
N PRO B 145 -2.57 -1.09 15.46
CA PRO B 145 -2.59 -0.01 14.48
C PRO B 145 -2.59 1.36 15.13
N ASN B 146 -2.13 2.39 14.41
CA ASN B 146 -2.23 3.79 14.86
C ASN B 146 -1.59 4.10 16.22
N THR C 5 -9.64 -11.46 -9.47
CA THR C 5 -9.11 -11.44 -8.10
C THR C 5 -9.48 -10.14 -7.39
N GLY C 6 -10.73 -9.74 -7.54
CA GLY C 6 -11.26 -8.59 -6.82
C GLY C 6 -12.45 -9.02 -5.99
N GLY C 7 -13.03 -8.07 -5.26
CA GLY C 7 -14.19 -8.36 -4.44
C GLY C 7 -13.98 -9.38 -3.33
N VAL C 8 -14.74 -10.47 -3.39
CA VAL C 8 -14.90 -11.35 -2.25
C VAL C 8 -14.24 -12.72 -2.41
N LYS C 10 -13.83 -16.53 -2.25
CA LYS C 10 -14.71 -17.69 -2.37
C LYS C 10 -13.96 -18.99 -2.09
N PRO C 11 -14.68 -20.00 -1.56
CA PRO C 11 -14.10 -21.34 -1.32
C PRO C 11 -13.84 -22.13 -2.60
N THR D 5 10.61 -7.29 -17.33
CA THR D 5 10.69 -5.87 -17.68
C THR D 5 9.34 -5.17 -17.51
N GLY D 6 8.35 -5.93 -17.05
CA GLY D 6 7.04 -5.37 -16.73
C GLY D 6 6.61 -5.74 -15.31
N GLY D 7 5.34 -5.52 -15.00
CA GLY D 7 4.78 -6.00 -13.76
C GLY D 7 5.18 -5.22 -12.52
N VAL D 8 5.55 -5.94 -11.46
CA VAL D 8 5.79 -5.33 -10.16
C VAL D 8 7.25 -4.97 -9.89
N LYS D 10 10.61 -4.45 -8.14
CA LYS D 10 11.32 -5.13 -7.08
C LYS D 10 12.26 -4.17 -6.37
N PRO D 11 12.01 -3.91 -5.07
CA PRO D 11 12.94 -3.17 -4.20
C PRO D 11 14.28 -3.90 -4.06
#